data_1BV8
#
_entry.id   1BV8
#
_cell.length_a   1.000
_cell.length_b   1.000
_cell.length_c   1.000
_cell.angle_alpha   90.00
_cell.angle_beta   90.00
_cell.angle_gamma   90.00
#
_symmetry.space_group_name_H-M   'P 1'
#
_entity_poly.entity_id   1
_entity_poly.type   'polypeptide(L)'
_entity_poly.pdbx_seq_one_letter_code
;EEFPFALGVQTLPQTCDEPKAHTSFQISLSVSYTGSRSASNMAIVDVKMVSGFIPLKPTVKMLERSNHVSRTEVSSNHVL
IYLDKVSNQTLSLFFTVLQDVPVRDLKPAIVKVYDYYETDEFAIAEYNAPCSKDLGNA
;
_entity_poly.pdbx_strand_id   A
#
# COMPACT_ATOMS: atom_id res chain seq x y z
CA GLU A 1 -17.80 -18.53 8.56
C GLU A 1 -17.34 -17.72 8.81
N GLU A 2 -16.61 -17.24 8.99
CA GLU A 2 -16.10 -16.45 9.23
C GLU A 2 -15.34 -15.70 8.96
N PHE A 3 -14.69 -14.87 8.79
CA PHE A 3 -13.92 -14.09 8.53
C PHE A 3 -13.84 -13.09 8.69
N PRO A 4 -13.26 -12.97 9.23
CA PRO A 4 -13.11 -12.05 9.44
C PRO A 4 -12.60 -11.04 8.49
N PHE A 5 -11.35 -10.68 8.68
CA PHE A 5 -10.73 -9.73 7.85
C PHE A 5 -9.34 -10.18 7.42
N ALA A 6 -8.83 -9.54 6.38
CA ALA A 6 -7.52 -9.86 5.87
C ALA A 6 -6.91 -8.63 5.21
N LEU A 7 -5.60 -8.54 5.31
CA LEU A 7 -4.89 -7.41 4.73
C LEU A 7 -3.71 -7.92 3.91
N GLY A 8 -3.34 -7.15 2.92
CA GLY A 8 -2.23 -7.51 2.06
C GLY A 8 -1.34 -6.32 1.76
N VAL A 9 -0.12 -6.39 2.24
CA VAL A 9 0.83 -5.33 2.04
C VAL A 9 2.21 -5.93 1.76
N GLN A 10 2.72 -5.63 0.57
CA GLN A 10 4.02 -6.14 0.18
C GLN A 10 4.73 -5.13 -0.71
N THR A 11 5.90 -5.51 -1.19
CA THR A 11 6.69 -4.66 -2.04
C THR A 11 7.39 -5.47 -3.11
N LEU A 12 7.99 -4.79 -4.04
CA LEU A 12 8.70 -5.45 -5.11
C LEU A 12 10.02 -4.74 -5.35
N PRO A 13 10.97 -4.99 -4.44
CA PRO A 13 12.27 -4.40 -4.54
C PRO A 13 13.10 -5.04 -5.63
N GLN A 14 12.81 -5.93 -6.10
CA GLN A 14 13.52 -6.62 -7.14
C GLN A 14 14.81 -7.18 -6.62
N THR A 15 15.44 -6.52 -5.93
CA THR A 15 16.69 -6.94 -5.38
C THR A 15 17.37 -5.96 -4.65
N CYS A 16 17.86 -6.15 -3.77
CA CYS A 16 18.53 -5.29 -3.00
C CYS A 16 19.98 -5.51 -3.22
N ASP A 17 20.44 -5.00 -4.24
CA ASP A 17 21.80 -5.13 -4.56
C ASP A 17 22.10 -4.29 -5.74
N GLU A 18 21.24 -3.73 -6.32
CA GLU A 18 21.41 -2.91 -7.46
C GLU A 18 20.93 -1.52 -7.22
N PRO A 19 21.35 -0.60 -8.05
CA PRO A 19 20.98 0.77 -7.92
C PRO A 19 19.58 1.03 -8.39
N LYS A 20 19.27 0.48 -9.49
CA LYS A 20 17.97 0.64 -10.04
C LYS A 20 16.98 0.22 -9.03
N ALA A 21 17.41 -0.62 -8.13
CA ALA A 21 16.57 -1.10 -7.11
C ALA A 21 16.23 0.01 -6.21
N HIS A 22 17.23 0.60 -5.69
CA HIS A 22 17.05 1.68 -4.81
C HIS A 22 16.45 2.87 -5.55
N THR A 23 16.89 3.07 -6.72
CA THR A 23 16.42 4.16 -7.52
C THR A 23 14.93 4.20 -7.56
N SER A 24 14.38 3.07 -7.89
CA SER A 24 12.96 2.96 -7.96
C SER A 24 12.49 1.66 -7.35
N PHE A 25 11.33 1.73 -6.72
CA PHE A 25 10.76 0.58 -6.09
C PHE A 25 9.27 0.44 -6.38
N GLN A 26 8.71 -0.67 -5.96
CA GLN A 26 7.32 -0.94 -6.16
C GLN A 26 6.66 -1.43 -4.87
N ILE A 27 5.39 -1.09 -4.72
CA ILE A 27 4.64 -1.47 -3.54
C ILE A 27 3.34 -2.15 -3.97
N SER A 28 2.85 -3.02 -3.11
CA SER A 28 1.61 -3.74 -3.39
C SER A 28 0.69 -3.67 -2.18
N LEU A 29 -0.57 -3.39 -2.45
CA LEU A 29 -1.56 -3.30 -1.40
C LEU A 29 -2.78 -4.13 -1.78
N SER A 30 -3.37 -4.75 -0.77
CA SER A 30 -4.54 -5.58 -0.99
C SER A 30 -5.42 -5.59 0.25
N VAL A 31 -6.72 -5.66 0.02
CA VAL A 31 -7.66 -5.67 1.11
C VAL A 31 -8.65 -6.83 0.91
N SER A 32 -8.87 -7.55 1.98
CA SER A 32 -9.78 -8.69 1.94
C SER A 32 -10.53 -8.80 3.27
N TYR A 33 -11.75 -8.41 3.26
CA TYR A 33 -12.58 -8.46 4.45
C TYR A 33 -13.90 -9.08 4.16
N THR A 34 -14.42 -9.81 5.07
CA THR A 34 -15.68 -10.45 4.92
C THR A 34 -16.50 -10.35 6.11
N GLY A 35 -17.43 -10.33 6.22
CA GLY A 35 -18.28 -10.24 7.31
C GLY A 35 -19.57 -10.78 7.06
N SER A 36 -20.50 -10.55 7.34
CA SER A 36 -21.76 -11.00 7.16
C SER A 36 -22.62 -10.05 6.96
N ARG A 37 -22.43 -9.07 6.53
CA ARG A 37 -23.17 -8.08 6.30
C ARG A 37 -23.51 -7.74 5.19
N SER A 38 -24.21 -7.42 4.73
CA SER A 38 -24.60 -7.06 3.68
C SER A 38 -24.29 -6.28 2.95
N ALA A 39 -23.52 -5.79 3.13
CA ALA A 39 -23.14 -5.03 2.50
C ALA A 39 -22.34 -4.43 1.90
N SER A 40 -21.97 -3.90 1.29
CA SER A 40 -21.20 -3.29 0.67
C SER A 40 -20.52 -3.06 0.33
N ASN A 41 -19.97 -2.84 -0.25
CA ASN A 41 -19.29 -2.60 -0.63
C ASN A 41 -18.09 -1.83 -0.82
N MET A 42 -17.32 -1.54 -0.69
CA MET A 42 -16.14 -0.81 -0.83
C MET A 42 -15.03 -1.28 0.09
N ALA A 43 -13.81 -0.93 -0.28
CA ALA A 43 -12.67 -1.30 0.51
C ALA A 43 -11.77 -0.09 0.70
N ILE A 44 -11.40 0.14 1.94
CA ILE A 44 -10.53 1.26 2.26
C ILE A 44 -9.37 0.77 3.13
N VAL A 45 -8.17 1.08 2.68
CA VAL A 45 -6.98 0.68 3.41
C VAL A 45 -5.99 1.83 3.42
N ASP A 46 -5.12 1.80 4.42
CA ASP A 46 -4.12 2.84 4.55
C ASP A 46 -2.80 2.19 4.96
N VAL A 47 -1.74 2.65 4.32
CA VAL A 47 -0.42 2.13 4.62
C VAL A 47 0.54 3.28 4.85
N LYS A 48 1.48 3.06 5.75
CA LYS A 48 2.46 4.06 6.09
C LYS A 48 3.82 3.40 6.27
N MET A 49 4.68 3.59 5.36
CA MET A 49 6.01 3.03 5.41
C MET A 49 7.06 3.98 5.14
N VAL A 50 8.25 3.72 5.40
CA VAL A 50 9.36 4.54 5.18
C VAL A 50 9.19 5.71 4.60
N SER A 51 8.68 6.30 5.06
CA SER A 51 8.47 7.41 4.59
C SER A 51 9.73 8.18 4.34
N GLY A 52 10.46 7.84 3.65
CA GLY A 52 11.68 8.48 3.34
C GLY A 52 12.03 8.38 1.87
N PHE A 53 11.01 8.36 1.05
CA PHE A 53 11.19 8.27 -0.37
C PHE A 53 10.38 9.30 -1.10
N ILE A 54 10.36 9.19 -2.39
CA ILE A 54 9.62 10.10 -3.21
C ILE A 54 8.83 9.34 -4.25
N PRO A 55 7.55 9.08 -3.90
CA PRO A 55 6.68 8.36 -4.80
C PRO A 55 6.22 9.25 -5.94
N LEU A 56 5.50 8.73 -6.82
CA LEU A 56 5.00 9.46 -7.96
C LEU A 56 3.53 9.76 -7.75
N LYS A 57 3.19 11.02 -7.91
CA LYS A 57 1.83 11.46 -7.75
C LYS A 57 0.99 10.97 -8.91
N PRO A 58 1.61 11.05 -10.10
CA PRO A 58 0.93 10.62 -11.30
C PRO A 58 0.87 9.11 -11.37
N THR A 59 1.92 8.49 -10.97
CA THR A 59 2.00 7.05 -10.98
C THR A 59 0.76 6.44 -10.39
N VAL A 60 0.43 6.90 -9.23
CA VAL A 60 -0.72 6.41 -8.55
C VAL A 60 -1.93 6.67 -9.38
N LYS A 61 -1.87 7.78 -10.06
CA LYS A 61 -2.95 8.16 -10.89
C LYS A 61 -3.21 7.08 -11.90
N MET A 62 -2.16 6.44 -12.29
CA MET A 62 -2.27 5.39 -13.25
C MET A 62 -3.24 4.33 -12.81
N LEU A 63 -3.33 4.16 -11.52
CA LEU A 63 -4.22 3.18 -10.96
C LEU A 63 -5.63 3.57 -11.26
N GLU A 64 -5.85 4.84 -11.23
CA GLU A 64 -7.15 5.35 -11.50
C GLU A 64 -7.47 5.19 -12.94
N ARG A 65 -6.46 5.17 -13.73
CA ARG A 65 -6.61 5.03 -15.13
C ARG A 65 -7.10 3.66 -15.46
N SER A 66 -6.98 2.80 -14.52
CA SER A 66 -7.40 1.46 -14.68
C SER A 66 -8.74 1.39 -15.19
N ASN A 67 -9.60 1.70 -15.23
CA ASN A 67 -10.92 1.68 -15.68
C ASN A 67 -11.72 2.66 -15.02
N HIS A 68 -11.19 3.75 -14.70
CA HIS A 68 -11.83 4.77 -14.05
C HIS A 68 -12.25 4.34 -12.72
N VAL A 69 -11.70 3.51 -12.14
CA VAL A 69 -12.01 3.02 -10.86
C VAL A 69 -10.95 2.68 -10.08
N SER A 70 -11.14 2.14 -8.93
CA SER A 70 -10.21 1.76 -8.10
C SER A 70 -9.38 2.73 -7.97
N ARG A 71 -9.61 3.40 -7.01
CA ARG A 71 -8.89 4.35 -6.79
C ARG A 71 -8.02 4.38 -5.56
N THR A 72 -6.81 4.84 -5.70
CA THR A 72 -5.89 4.93 -4.62
C THR A 72 -5.22 6.28 -4.58
N GLU A 73 -4.66 6.59 -3.45
CA GLU A 73 -3.99 7.85 -3.27
C GLU A 73 -2.68 7.70 -2.54
N VAL A 74 -1.79 8.60 -2.84
CA VAL A 74 -0.50 8.59 -2.23
C VAL A 74 -0.18 9.98 -1.73
N SER A 75 0.00 10.09 -0.44
CA SER A 75 0.32 11.35 0.16
C SER A 75 1.80 11.50 0.34
N SER A 76 2.51 10.93 -0.57
CA SER A 76 3.93 10.99 -0.53
C SER A 76 4.45 10.19 0.60
N ASN A 77 4.03 10.29 1.69
CA ASN A 77 4.44 9.58 2.85
C ASN A 77 3.63 8.33 3.01
N HIS A 78 2.42 8.47 3.11
CA HIS A 78 1.53 7.36 3.26
C HIS A 78 0.73 7.14 1.99
N VAL A 79 0.07 6.00 1.93
CA VAL A 79 -0.73 5.67 0.77
C VAL A 79 -2.10 5.17 1.23
N LEU A 80 -3.10 5.41 0.39
CA LEU A 80 -4.45 5.00 0.70
C LEU A 80 -5.02 4.21 -0.47
N ILE A 81 -5.98 3.36 -0.16
CA ILE A 81 -6.62 2.54 -1.16
C ILE A 81 -8.14 2.65 -1.02
N TYR A 82 -8.80 2.84 -2.14
CA TYR A 82 -10.24 2.96 -2.15
C TYR A 82 -10.83 2.35 -3.42
N LEU A 83 -11.59 1.31 -3.25
CA LEU A 83 -12.20 0.63 -4.37
C LEU A 83 -13.61 0.22 -4.00
N ASP A 84 -14.40 0.05 -4.98
CA ASP A 84 -15.77 -0.35 -4.78
C ASP A 84 -16.15 -1.34 -5.74
N LYS A 85 -16.43 -2.34 -5.51
CA LYS A 85 -16.81 -3.36 -6.34
C LYS A 85 -16.94 -4.48 -5.74
N VAL A 86 -17.13 -4.99 -5.23
CA VAL A 86 -17.25 -6.07 -4.63
C VAL A 86 -17.78 -6.94 -4.37
N SER A 87 -18.02 -7.69 -4.42
CA SER A 87 -18.52 -8.56 -4.19
C SER A 87 -18.07 -9.63 -3.98
N ASN A 88 -17.46 -9.75 -3.55
CA ASN A 88 -16.98 -10.72 -3.30
C ASN A 88 -15.77 -11.13 -3.42
N GLN A 89 -15.09 -10.37 -3.47
CA GLN A 89 -13.92 -10.64 -3.58
C GLN A 89 -12.92 -9.66 -3.09
N THR A 90 -11.80 -9.97 -2.94
CA THR A 90 -10.76 -9.12 -2.49
C THR A 90 -10.26 -8.23 -3.61
N LEU A 91 -9.46 -7.26 -3.23
CA LEU A 91 -8.91 -6.33 -4.21
C LEU A 91 -7.45 -6.05 -3.88
N SER A 92 -6.73 -5.59 -4.86
CA SER A 92 -5.33 -5.28 -4.70
C SER A 92 -4.91 -4.13 -5.60
N LEU A 93 -3.77 -3.56 -5.30
CA LEU A 93 -3.26 -2.45 -6.07
C LEU A 93 -1.73 -2.48 -6.08
N PHE A 94 -1.16 -1.66 -6.92
CA PHE A 94 0.28 -1.58 -7.03
C PHE A 94 0.73 -0.17 -7.20
N PHE A 95 1.89 0.14 -6.67
CA PHE A 95 2.43 1.45 -6.75
C PHE A 95 3.94 1.44 -6.92
N THR A 96 4.50 2.63 -7.08
CA THR A 96 5.92 2.78 -7.25
C THR A 96 6.43 3.96 -6.46
N VAL A 97 7.68 3.87 -6.03
CA VAL A 97 8.30 4.93 -5.27
C VAL A 97 9.72 5.13 -5.73
N LEU A 98 10.22 6.33 -5.52
CA LEU A 98 11.56 6.66 -5.90
C LEU A 98 12.28 7.32 -4.73
N GLN A 99 13.45 7.40 -4.75
CA GLN A 99 14.24 8.00 -3.70
C GLN A 99 15.14 8.93 -4.20
N ASP A 100 15.51 9.80 -3.75
CA ASP A 100 16.36 10.75 -4.14
C ASP A 100 17.06 11.31 -3.07
N VAL A 101 17.21 11.56 -2.63
CA VAL A 101 17.86 12.08 -1.61
C VAL A 101 17.83 11.47 -0.37
N PRO A 102 18.63 11.23 0.19
CA PRO A 102 18.71 10.63 1.36
C PRO A 102 18.51 11.14 2.49
N VAL A 103 18.17 10.72 3.44
CA VAL A 103 17.95 11.12 4.56
C VAL A 103 18.14 10.43 5.57
N ARG A 104 18.06 10.46 6.50
CA ARG A 104 18.22 9.84 7.52
C ARG A 104 17.19 9.57 8.48
N ASP A 105 16.55 8.73 8.41
CA ASP A 105 15.55 8.38 9.26
C ASP A 105 15.20 7.07 9.26
N LEU A 106 15.30 6.44 10.19
CA LEU A 106 14.99 5.18 10.31
C LEU A 106 13.96 4.86 11.16
N LYS A 107 13.01 4.28 10.75
CA LYS A 107 11.96 3.92 11.46
C LYS A 107 11.17 2.84 10.82
N PRO A 108 10.37 2.17 11.62
CA PRO A 108 9.55 1.11 11.14
C PRO A 108 8.37 1.62 10.34
N ALA A 109 7.54 0.69 9.90
CA ALA A 109 6.38 1.03 9.13
C ALA A 109 5.17 0.27 9.66
N ILE A 110 4.01 0.83 9.39
CA ILE A 110 2.77 0.23 9.83
C ILE A 110 1.74 0.27 8.71
N VAL A 111 0.77 -0.63 8.79
CA VAL A 111 -0.27 -0.69 7.79
C VAL A 111 -1.59 -1.07 8.45
N LYS A 112 -2.67 -0.55 7.89
CA LYS A 112 -3.99 -0.82 8.42
C LYS A 112 -4.97 -1.02 7.26
N VAL A 113 -5.96 -1.86 7.49
CA VAL A 113 -6.96 -2.14 6.48
C VAL A 113 -8.35 -2.16 7.13
N TYR A 114 -9.27 -1.47 6.49
CA TYR A 114 -10.63 -1.41 7.00
C TYR A 114 -11.63 -1.62 5.87
N ASP A 115 -12.87 -1.76 6.24
CA ASP A 115 -13.92 -1.97 5.27
C ASP A 115 -15.14 -1.22 5.69
N TYR A 116 -15.60 -0.82 6.08
CA TYR A 116 -16.75 -0.10 6.51
C TYR A 116 -17.14 -0.35 7.68
N TYR A 117 -17.53 0.15 8.46
CA TYR A 117 -17.94 -0.01 9.62
C TYR A 117 -17.77 -0.25 10.51
N GLU A 118 -18.12 -0.43 11.16
CA GLU A 118 -18.00 -0.68 12.04
C GLU A 118 -17.40 -1.31 12.98
N THR A 119 -17.46 -1.82 13.57
CA THR A 119 -16.92 -2.45 14.48
C THR A 119 -16.23 -3.41 14.42
N ASP A 120 -15.53 -3.74 14.34
CA ASP A 120 -14.82 -4.65 14.27
C ASP A 120 -14.58 -5.16 13.43
N GLU A 121 -14.00 -5.17 12.60
CA GLU A 121 -13.71 -5.63 11.74
C GLU A 121 -12.74 -5.14 10.88
N PHE A 122 -11.81 -5.32 10.86
CA PHE A 122 -10.82 -4.90 10.09
C PHE A 122 -9.55 -5.66 10.36
N ALA A 123 -8.55 -5.38 9.56
CA ALA A 123 -7.28 -6.02 9.69
C ALA A 123 -6.16 -4.98 9.74
N ILE A 124 -5.10 -5.32 10.45
CA ILE A 124 -3.98 -4.43 10.58
C ILE A 124 -2.69 -5.23 10.51
N ALA A 125 -1.70 -4.66 9.86
CA ALA A 125 -0.41 -5.31 9.72
C ALA A 125 0.71 -4.29 9.92
N GLU A 126 1.92 -4.79 9.93
CA GLU A 126 3.08 -3.93 10.10
C GLU A 126 4.13 -4.24 9.05
N TYR A 127 4.96 -3.25 8.77
CA TYR A 127 6.01 -3.42 7.80
C TYR A 127 7.28 -2.68 8.21
N ASN A 128 8.31 -2.88 7.42
CA ASN A 128 9.59 -2.26 7.69
C ASN A 128 10.30 -1.99 6.38
N ALA A 129 11.20 -1.15 6.37
CA ALA A 129 11.95 -0.81 5.19
C ALA A 129 12.66 -1.85 4.72
N PRO A 130 12.49 -2.30 3.79
CA PRO A 130 13.10 -3.30 3.25
C PRO A 130 14.35 -3.29 2.63
N CYS A 131 14.99 -3.16 3.04
CA CYS A 131 16.18 -3.12 2.55
C CYS A 131 16.66 -1.91 2.77
N SER A 132 16.86 -1.09 3.17
CA SER A 132 17.32 0.10 3.43
C SER A 132 18.55 0.38 3.45
N LYS A 133 19.19 0.96 2.92
CA LYS A 133 20.38 1.28 2.87
C LYS A 133 20.95 2.06 2.16
N ASP A 134 21.74 2.83 2.22
CA ASP A 134 22.35 3.62 1.59
C ASP A 134 23.18 4.10 1.22
N LEU A 135 23.67 4.22 0.74
CA LEU A 135 24.49 4.66 0.35
C LEU A 135 25.09 5.21 -0.56
N GLY A 136 25.06 5.64 -0.87
CA GLY A 136 25.59 6.18 -1.73
C GLY A 136 26.11 6.68 -2.39
N ASN A 137 26.49 7.40 -3.07
CA ASN A 137 27.00 7.94 -3.74
C ASN A 137 27.26 8.42 -4.26
N ALA A 138 27.59 8.92 -4.60
CA ALA A 138 27.86 9.42 -5.11
C ALA A 138 28.43 9.89 -5.79
#